data_1WR2
#
_entry.id   1WR2
#
_cell.length_a   46.346
_cell.length_b   60.643
_cell.length_c   96.134
_cell.angle_alpha   90.00
_cell.angle_beta   90.00
_cell.angle_gamma   90.00
#
_symmetry.space_group_name_H-M   'P 21 21 21'
#
loop_
_entity.id
_entity.type
_entity.pdbx_description
1 polymer 'hypothetical protein PH1789'
2 water water
#
_entity_poly.entity_id   1
_entity_poly.type   'polypeptide(L)'
_entity_poly.pdbx_seq_one_letter_code
;MKEEAVRVIEEVLKQGRTAMVEYEAKQVLKAYGLPVPEEKLAKTLDEALEYAKEIGYPVVLKLMSPQILHKSDAKVVMLN
IKNEEELKKKWEEIHENAKKYRPDAEILGVLVAPMLKPGREVIIGVTEDPQFGHAIMFGLGGIFVEILKDVTFRLVPITE
KDARKMIQEIKAYPILAGARGEEPADIDAIVDMLLKVSKLVDDLKDYIKEMDLNPVFVYNKGEGAVIVDSRIILKPKD
;
_entity_poly.pdbx_strand_id   A
#
# COMPACT_ATOMS: atom_id res chain seq x y z
N MET A 1 5.64 15.25 -13.68
CA MET A 1 4.70 14.93 -12.57
C MET A 1 3.32 14.57 -13.11
N LYS A 2 2.97 13.28 -13.05
CA LYS A 2 1.67 12.84 -13.52
C LYS A 2 0.60 13.69 -12.84
N GLU A 3 -0.18 14.41 -13.64
CA GLU A 3 -1.21 15.29 -13.12
C GLU A 3 -2.18 14.64 -12.12
N GLU A 4 -2.67 13.45 -12.44
CA GLU A 4 -3.61 12.77 -11.56
C GLU A 4 -3.07 12.65 -10.13
N ALA A 5 -1.77 12.37 -10.01
CA ALA A 5 -1.14 12.23 -8.71
C ALA A 5 -1.13 13.57 -7.98
N VAL A 6 -0.70 14.61 -8.69
CA VAL A 6 -0.64 15.95 -8.10
C VAL A 6 -2.03 16.42 -7.71
N ARG A 7 -3.03 15.93 -8.43
CA ARG A 7 -4.43 16.30 -8.17
C ARG A 7 -4.88 15.72 -6.84
N VAL A 8 -4.73 14.41 -6.68
CA VAL A 8 -5.13 13.74 -5.46
C VAL A 8 -4.34 14.32 -4.29
N ILE A 9 -3.05 14.55 -4.50
CA ILE A 9 -2.20 15.12 -3.44
C ILE A 9 -2.69 16.51 -3.04
N GLU A 10 -2.84 17.41 -4.01
CA GLU A 10 -3.31 18.76 -3.72
C GLU A 10 -4.62 18.73 -2.94
N GLU A 11 -5.56 17.93 -3.42
CA GLU A 11 -6.87 17.79 -2.79
C GLU A 11 -6.75 17.50 -1.30
N VAL A 12 -5.86 16.58 -0.95
CA VAL A 12 -5.65 16.20 0.44
C VAL A 12 -5.08 17.37 1.23
N LEU A 13 -4.06 18.01 0.67
CA LEU A 13 -3.43 19.14 1.33
C LEU A 13 -4.43 20.27 1.53
N LYS A 14 -5.32 20.43 0.56
CA LYS A 14 -6.35 21.46 0.60
C LYS A 14 -7.22 21.28 1.85
N GLN A 15 -7.32 20.04 2.30
CA GLN A 15 -8.11 19.72 3.49
C GLN A 15 -7.24 19.85 4.73
N GLY A 16 -6.04 20.40 4.55
CA GLY A 16 -5.13 20.56 5.66
C GLY A 16 -4.68 19.26 6.30
N ARG A 17 -4.51 18.23 5.48
CA ARG A 17 -4.07 16.92 5.96
C ARG A 17 -2.71 16.58 5.36
N THR A 18 -1.92 15.82 6.11
CA THR A 18 -0.61 15.41 5.60
C THR A 18 -0.62 13.90 5.32
N ALA A 19 -1.39 13.15 6.10
CA ALA A 19 -1.46 11.71 5.92
C ALA A 19 -2.57 11.29 4.96
N MET A 20 -2.21 10.53 3.93
CA MET A 20 -3.19 10.06 2.96
C MET A 20 -3.74 8.71 3.40
N VAL A 21 -5.04 8.50 3.20
CA VAL A 21 -5.66 7.23 3.55
C VAL A 21 -5.35 6.24 2.43
N GLU A 22 -5.51 4.95 2.70
CA GLU A 22 -5.18 3.92 1.73
C GLU A 22 -5.67 4.14 0.29
N TYR A 23 -6.93 4.51 0.12
CA TYR A 23 -7.43 4.69 -1.24
C TYR A 23 -6.80 5.89 -1.94
N GLU A 24 -6.46 6.93 -1.18
CA GLU A 24 -5.84 8.12 -1.78
C GLU A 24 -4.41 7.82 -2.19
N ALA A 25 -3.70 7.08 -1.32
CA ALA A 25 -2.31 6.70 -1.61
C ALA A 25 -2.30 5.85 -2.89
N LYS A 26 -3.17 4.86 -2.95
CA LYS A 26 -3.23 3.98 -4.11
C LYS A 26 -3.55 4.69 -5.42
N GLN A 27 -4.29 5.78 -5.34
CA GLN A 27 -4.60 6.57 -6.53
C GLN A 27 -3.27 7.13 -7.04
N VAL A 28 -2.41 7.56 -6.12
CA VAL A 28 -1.12 8.10 -6.51
C VAL A 28 -0.29 6.98 -7.15
N LEU A 29 -0.33 5.80 -6.53
CA LEU A 29 0.40 4.66 -7.05
C LEU A 29 -0.07 4.26 -8.45
N LYS A 30 -1.38 4.14 -8.64
CA LYS A 30 -1.91 3.77 -9.94
C LYS A 30 -1.53 4.77 -11.03
N ALA A 31 -1.49 6.06 -10.67
CA ALA A 31 -1.15 7.10 -11.62
C ALA A 31 0.24 6.88 -12.22
N TYR A 32 1.03 6.03 -11.56
CA TYR A 32 2.37 5.73 -12.03
C TYR A 32 2.49 4.28 -12.52
N GLY A 33 1.34 3.66 -12.75
CA GLY A 33 1.33 2.31 -13.27
C GLY A 33 1.70 1.17 -12.36
N LEU A 34 1.81 1.42 -11.06
CA LEU A 34 2.14 0.38 -10.09
C LEU A 34 1.00 -0.62 -10.00
N PRO A 35 1.30 -1.89 -9.69
CA PRO A 35 0.28 -2.94 -9.59
C PRO A 35 -0.67 -2.88 -8.40
N VAL A 36 -1.74 -2.11 -8.55
CA VAL A 36 -2.77 -2.00 -7.51
C VAL A 36 -4.05 -2.57 -8.10
N PRO A 37 -4.61 -3.63 -7.48
CA PRO A 37 -5.83 -4.25 -7.97
C PRO A 37 -7.07 -3.38 -7.80
N GLU A 38 -8.13 -3.70 -8.55
CA GLU A 38 -9.36 -2.94 -8.49
C GLU A 38 -9.97 -2.98 -7.09
N GLU A 39 -10.31 -1.82 -6.56
CA GLU A 39 -10.93 -1.68 -5.24
C GLU A 39 -11.94 -0.53 -5.32
N LYS A 40 -13.05 -0.66 -4.60
CA LYS A 40 -14.06 0.38 -4.62
C LYS A 40 -14.28 1.00 -3.26
N LEU A 41 -14.54 2.30 -3.25
CA LEU A 41 -14.79 3.02 -2.00
C LEU A 41 -16.29 3.17 -1.77
N ALA A 42 -16.82 2.39 -0.84
CA ALA A 42 -18.24 2.45 -0.53
C ALA A 42 -18.52 3.55 0.50
N LYS A 43 -19.55 4.36 0.26
CA LYS A 43 -19.91 5.41 1.20
C LYS A 43 -21.06 4.93 2.08
N THR A 44 -21.73 3.87 1.67
CA THR A 44 -22.84 3.30 2.43
C THR A 44 -22.78 1.78 2.38
N LEU A 45 -23.53 1.11 3.25
CA LEU A 45 -23.55 -0.34 3.27
C LEU A 45 -24.16 -0.85 1.96
N ASP A 46 -25.18 -0.16 1.45
CA ASP A 46 -25.79 -0.58 0.20
C ASP A 46 -24.75 -0.56 -0.91
N GLU A 47 -23.96 0.51 -0.94
CA GLU A 47 -22.91 0.64 -1.95
C GLU A 47 -21.91 -0.51 -1.84
N ALA A 48 -21.51 -0.83 -0.62
CA ALA A 48 -20.56 -1.90 -0.38
C ALA A 48 -21.10 -3.22 -0.89
N LEU A 49 -22.39 -3.47 -0.65
CA LEU A 49 -23.01 -4.70 -1.10
C LEU A 49 -22.94 -4.82 -2.62
N GLU A 50 -23.15 -3.70 -3.31
CA GLU A 50 -23.09 -3.65 -4.77
C GLU A 50 -21.68 -3.96 -5.26
N TYR A 51 -20.70 -3.22 -4.73
CA TYR A 51 -19.30 -3.40 -5.11
C TYR A 51 -18.81 -4.81 -4.82
N ALA A 52 -19.29 -5.40 -3.73
CA ALA A 52 -18.89 -6.75 -3.37
C ALA A 52 -19.32 -7.70 -4.47
N LYS A 53 -20.59 -7.59 -4.88
CA LYS A 53 -21.11 -8.44 -5.95
C LYS A 53 -20.33 -8.17 -7.22
N GLU A 54 -19.97 -6.92 -7.42
CA GLU A 54 -19.22 -6.50 -8.59
C GLU A 54 -17.85 -7.18 -8.70
N ILE A 55 -17.02 -7.04 -7.68
CA ILE A 55 -15.69 -7.66 -7.72
C ILE A 55 -15.70 -9.14 -7.33
N GLY A 56 -16.81 -9.59 -6.75
CA GLY A 56 -16.94 -10.99 -6.35
C GLY A 56 -16.41 -11.37 -4.98
N TYR A 57 -17.19 -12.18 -4.26
CA TYR A 57 -16.79 -12.63 -2.92
C TYR A 57 -15.76 -13.76 -3.04
N PRO A 58 -14.94 -13.95 -2.00
CA PRO A 58 -14.88 -13.22 -0.73
C PRO A 58 -14.18 -11.87 -0.86
N VAL A 59 -14.56 -10.91 -0.03
CA VAL A 59 -13.97 -9.59 -0.08
C VAL A 59 -13.42 -9.16 1.27
N VAL A 60 -12.72 -8.02 1.25
CA VAL A 60 -12.11 -7.41 2.42
C VAL A 60 -12.76 -6.05 2.64
N LEU A 61 -13.01 -5.69 3.90
CA LEU A 61 -13.56 -4.37 4.19
C LEU A 61 -12.51 -3.64 5.00
N LYS A 62 -12.23 -2.39 4.63
CA LYS A 62 -11.24 -1.58 5.33
C LYS A 62 -11.78 -0.17 5.53
N LEU A 63 -12.01 0.21 6.78
CA LEU A 63 -12.54 1.53 7.05
C LEU A 63 -11.51 2.61 6.74
N MET A 64 -11.95 3.62 6.01
CA MET A 64 -11.07 4.73 5.64
C MET A 64 -11.32 5.93 6.53
N SER A 65 -10.28 6.39 7.21
CA SER A 65 -10.37 7.54 8.10
C SER A 65 -8.98 8.13 8.31
N PRO A 66 -8.84 9.46 8.12
CA PRO A 66 -7.56 10.13 8.30
C PRO A 66 -7.06 9.98 9.74
N GLN A 67 -7.98 9.70 10.66
CA GLN A 67 -7.62 9.55 12.07
C GLN A 67 -7.25 8.12 12.43
N ILE A 68 -7.53 7.18 11.54
CA ILE A 68 -7.23 5.78 11.78
C ILE A 68 -6.35 5.25 10.66
N LEU A 69 -5.07 5.60 10.70
CA LEU A 69 -4.12 5.15 9.69
C LEU A 69 -3.65 3.72 9.92
N HIS A 70 -3.45 3.34 11.17
CA HIS A 70 -3.01 1.98 11.51
C HIS A 70 -4.26 1.12 11.68
N LYS A 71 -4.82 0.71 10.54
CA LYS A 71 -6.03 -0.10 10.52
C LYS A 71 -6.02 -1.37 11.37
N SER A 72 -4.94 -2.15 11.32
CA SER A 72 -4.90 -3.39 12.11
C SER A 72 -4.95 -3.10 13.61
N ASP A 73 -4.31 -2.02 14.03
CA ASP A 73 -4.29 -1.64 15.43
C ASP A 73 -5.71 -1.34 15.91
N ALA A 74 -6.47 -0.61 15.09
CA ALA A 74 -7.85 -0.25 15.43
C ALA A 74 -8.86 -1.35 15.14
N LYS A 75 -8.42 -2.35 14.37
CA LYS A 75 -9.28 -3.46 14.00
C LYS A 75 -10.46 -3.00 13.15
N VAL A 76 -10.14 -2.19 12.14
CA VAL A 76 -11.16 -1.69 11.23
C VAL A 76 -11.01 -2.34 9.85
N VAL A 77 -10.25 -3.44 9.80
CA VAL A 77 -10.05 -4.20 8.56
C VAL A 77 -10.57 -5.62 8.80
N MET A 78 -11.53 -6.07 7.99
CA MET A 78 -12.10 -7.42 8.12
C MET A 78 -11.86 -8.21 6.84
N LEU A 79 -11.31 -9.40 6.99
CA LEU A 79 -10.98 -10.24 5.84
C LEU A 79 -11.93 -11.41 5.53
N ASN A 80 -11.70 -12.00 4.37
CA ASN A 80 -12.45 -13.15 3.86
C ASN A 80 -13.94 -13.16 4.16
N ILE A 81 -14.62 -12.09 3.80
CA ILE A 81 -16.07 -11.96 3.97
C ILE A 81 -16.68 -12.76 2.83
N LYS A 82 -17.32 -13.88 3.15
CA LYS A 82 -17.88 -14.76 2.13
C LYS A 82 -19.23 -14.41 1.52
N ASN A 83 -20.06 -13.64 2.22
CA ASN A 83 -21.37 -13.32 1.68
C ASN A 83 -21.94 -12.00 2.16
N GLU A 84 -23.14 -11.69 1.66
CA GLU A 84 -23.83 -10.47 1.99
C GLU A 84 -24.21 -10.29 3.46
N GLU A 85 -24.63 -11.37 4.12
CA GLU A 85 -25.01 -11.31 5.53
C GLU A 85 -23.79 -10.97 6.38
N GLU A 86 -22.68 -11.64 6.08
CA GLU A 86 -21.43 -11.42 6.81
C GLU A 86 -20.87 -10.01 6.55
N LEU A 87 -21.07 -9.50 5.34
CA LEU A 87 -20.59 -8.17 5.00
C LEU A 87 -21.36 -7.13 5.80
N LYS A 88 -22.66 -7.36 5.98
CA LYS A 88 -23.51 -6.43 6.74
C LYS A 88 -23.08 -6.37 8.20
N LYS A 89 -22.66 -7.50 8.75
CA LYS A 89 -22.25 -7.55 10.15
C LYS A 89 -20.83 -7.00 10.34
N LYS A 90 -19.94 -7.28 9.39
CA LYS A 90 -18.57 -6.79 9.49
C LYS A 90 -18.53 -5.29 9.24
N TRP A 91 -19.52 -4.79 8.50
CA TRP A 91 -19.63 -3.38 8.23
C TRP A 91 -19.94 -2.68 9.57
N GLU A 92 -20.82 -3.30 10.35
CA GLU A 92 -21.18 -2.74 11.66
C GLU A 92 -19.99 -2.81 12.61
N GLU A 93 -19.29 -3.94 12.59
CA GLU A 93 -18.14 -4.14 13.45
C GLU A 93 -17.06 -3.08 13.30
N ILE A 94 -16.57 -2.89 12.07
CA ILE A 94 -15.50 -1.93 11.85
C ILE A 94 -15.88 -0.52 12.26
N HIS A 95 -17.15 -0.17 12.11
CA HIS A 95 -17.58 1.16 12.53
C HIS A 95 -17.55 1.27 14.05
N GLU A 96 -17.90 0.18 14.72
CA GLU A 96 -17.89 0.13 16.18
C GLU A 96 -16.45 0.23 16.65
N ASN A 97 -15.59 -0.56 16.03
CA ASN A 97 -14.18 -0.57 16.40
C ASN A 97 -13.53 0.78 16.19
N ALA A 98 -13.97 1.49 15.16
CA ALA A 98 -13.44 2.80 14.86
C ALA A 98 -13.94 3.81 15.90
N LYS A 99 -15.16 3.58 16.40
CA LYS A 99 -15.75 4.46 17.39
C LYS A 99 -15.01 4.37 18.72
N LYS A 100 -14.60 3.16 19.07
CA LYS A 100 -13.88 2.95 20.33
C LYS A 100 -12.44 3.47 20.21
N TYR A 101 -11.89 3.38 19.00
CA TYR A 101 -10.52 3.81 18.74
C TYR A 101 -10.35 5.33 18.70
N ARG A 102 -11.18 6.00 17.91
CA ARG A 102 -11.16 7.46 17.78
C ARG A 102 -12.61 7.91 17.53
N PRO A 103 -13.38 8.16 18.60
CA PRO A 103 -14.77 8.58 18.40
C PRO A 103 -14.98 9.86 17.59
N ASP A 104 -13.91 10.65 17.43
CA ASP A 104 -14.01 11.91 16.68
C ASP A 104 -13.50 11.76 15.24
N ALA A 105 -13.24 10.53 14.83
CA ALA A 105 -12.72 10.25 13.49
C ALA A 105 -13.65 10.61 12.34
N GLU A 106 -13.08 11.18 11.28
CA GLU A 106 -13.86 11.50 10.09
C GLU A 106 -13.89 10.19 9.30
N ILE A 107 -15.07 9.69 8.96
CA ILE A 107 -15.15 8.44 8.21
C ILE A 107 -15.34 8.80 6.74
N LEU A 108 -14.33 8.53 5.92
CA LEU A 108 -14.40 8.84 4.50
C LEU A 108 -15.13 7.76 3.71
N GLY A 109 -15.30 6.59 4.32
CA GLY A 109 -15.98 5.50 3.64
C GLY A 109 -15.30 4.18 3.94
N VAL A 110 -15.69 3.12 3.23
CA VAL A 110 -15.12 1.80 3.44
C VAL A 110 -14.60 1.22 2.15
N LEU A 111 -13.34 0.80 2.15
CA LEU A 111 -12.75 0.23 0.95
C LEU A 111 -13.17 -1.23 0.84
N VAL A 112 -13.74 -1.58 -0.31
CA VAL A 112 -14.15 -2.95 -0.58
C VAL A 112 -13.12 -3.47 -1.57
N ALA A 113 -12.34 -4.46 -1.17
CA ALA A 113 -11.30 -4.99 -2.02
C ALA A 113 -11.38 -6.50 -2.14
N PRO A 114 -10.60 -7.08 -3.06
CA PRO A 114 -10.61 -8.53 -3.23
C PRO A 114 -9.64 -9.25 -2.30
N MET A 115 -9.88 -10.54 -2.11
CA MET A 115 -9.01 -11.37 -1.31
C MET A 115 -7.93 -11.82 -2.30
N LEU A 116 -6.79 -11.15 -2.26
CA LEU A 116 -5.70 -11.44 -3.17
C LEU A 116 -4.99 -12.76 -2.85
N LYS A 117 -4.54 -13.43 -3.89
CA LYS A 117 -3.82 -14.69 -3.69
C LYS A 117 -2.51 -14.34 -3.00
N PRO A 118 -2.22 -15.02 -1.88
CA PRO A 118 -0.97 -14.72 -1.18
C PRO A 118 0.26 -15.04 -2.03
N GLY A 119 1.35 -14.33 -1.74
CA GLY A 119 2.59 -14.54 -2.45
C GLY A 119 3.73 -14.13 -1.52
N ARG A 120 4.95 -14.07 -2.03
CA ARG A 120 6.08 -13.68 -1.20
C ARG A 120 5.92 -12.23 -0.72
N GLU A 121 5.90 -12.02 0.59
CA GLU A 121 5.75 -10.68 1.12
C GLU A 121 7.04 -9.88 1.09
N VAL A 122 6.97 -8.67 0.50
CA VAL A 122 8.11 -7.78 0.44
C VAL A 122 7.63 -6.40 0.85
N ILE A 123 8.56 -5.50 1.14
CA ILE A 123 8.21 -4.14 1.53
C ILE A 123 9.08 -3.13 0.83
N ILE A 124 8.47 -2.08 0.31
CA ILE A 124 9.22 -1.02 -0.35
C ILE A 124 8.91 0.25 0.43
N GLY A 125 9.94 0.85 1.02
CA GLY A 125 9.77 2.07 1.79
C GLY A 125 10.52 3.25 1.21
N VAL A 126 10.06 4.45 1.57
CA VAL A 126 10.66 5.69 1.13
C VAL A 126 10.67 6.68 2.28
N THR A 127 11.84 7.27 2.52
CA THR A 127 11.99 8.27 3.56
C THR A 127 12.81 9.38 2.94
N GLU A 128 12.82 10.54 3.60
CA GLU A 128 13.59 11.68 3.12
C GLU A 128 14.58 12.11 4.20
N ASP A 129 15.85 12.14 3.82
CA ASP A 129 16.92 12.54 4.75
C ASP A 129 17.18 14.04 4.63
N PRO A 130 17.51 14.70 5.75
CA PRO A 130 17.79 16.15 5.77
C PRO A 130 18.93 16.58 4.84
N GLN A 131 19.96 15.73 4.75
CA GLN A 131 21.13 16.01 3.92
C GLN A 131 21.17 15.33 2.55
N PHE A 132 20.63 14.12 2.45
CA PHE A 132 20.68 13.37 1.20
C PHE A 132 19.42 13.23 0.37
N GLY A 133 18.30 13.77 0.84
CA GLY A 133 17.06 13.67 0.08
C GLY A 133 16.35 12.34 0.28
N HIS A 134 15.52 11.97 -0.70
CA HIS A 134 14.75 10.73 -0.62
C HIS A 134 15.55 9.47 -0.88
N ALA A 135 15.20 8.42 -0.15
CA ALA A 135 15.85 7.13 -0.30
C ALA A 135 14.76 6.08 -0.39
N ILE A 136 15.02 5.06 -1.20
CA ILE A 136 14.08 3.97 -1.38
C ILE A 136 14.70 2.73 -0.73
N MET A 137 13.87 1.98 0.00
CA MET A 137 14.31 0.77 0.71
C MET A 137 13.57 -0.46 0.24
N PHE A 138 14.22 -1.61 0.36
CA PHE A 138 13.63 -2.88 -0.03
C PHE A 138 14.05 -3.95 0.97
N GLY A 139 13.13 -4.86 1.26
CA GLY A 139 13.42 -5.95 2.17
C GLY A 139 12.19 -6.84 2.23
N LEU A 140 12.32 -8.05 2.78
CA LEU A 140 11.17 -8.93 2.88
C LEU A 140 10.22 -8.47 3.97
N GLY A 141 8.96 -8.83 3.85
CA GLY A 141 7.97 -8.46 4.83
C GLY A 141 7.78 -9.57 5.85
N GLY A 142 6.58 -9.67 6.40
CA GLY A 142 6.33 -10.71 7.39
C GLY A 142 6.16 -10.06 8.74
N ILE A 143 5.91 -10.84 9.77
CA ILE A 143 5.73 -10.29 11.11
C ILE A 143 7.05 -10.13 11.87
N PHE A 144 8.12 -10.67 11.31
CA PHE A 144 9.44 -10.58 11.93
C PHE A 144 10.39 -9.65 11.20
N VAL A 145 9.84 -8.66 10.50
CA VAL A 145 10.64 -7.69 9.76
C VAL A 145 11.54 -6.86 10.69
N GLU A 146 10.99 -6.47 11.83
CA GLU A 146 11.76 -5.66 12.79
C GLU A 146 12.84 -6.47 13.49
N ILE A 147 12.65 -7.78 13.57
CA ILE A 147 13.63 -8.64 14.22
C ILE A 147 14.77 -8.99 13.28
N LEU A 148 14.44 -9.28 12.03
CA LEU A 148 15.44 -9.66 11.05
C LEU A 148 16.31 -8.48 10.60
N LYS A 149 15.75 -7.27 10.68
CA LYS A 149 16.51 -6.07 10.32
C LYS A 149 17.30 -6.28 9.03
N ASP A 150 16.60 -6.61 7.95
CA ASP A 150 17.27 -6.87 6.68
C ASP A 150 16.69 -6.03 5.54
N VAL A 151 17.19 -4.80 5.42
CA VAL A 151 16.71 -3.91 4.38
C VAL A 151 17.90 -3.24 3.70
N THR A 152 17.79 -3.03 2.40
CA THR A 152 18.85 -2.37 1.64
C THR A 152 18.23 -1.06 1.16
N PHE A 153 19.06 -0.08 0.80
CA PHE A 153 18.54 1.20 0.33
C PHE A 153 19.38 1.80 -0.78
N ARG A 154 18.84 2.84 -1.40
CA ARG A 154 19.52 3.53 -2.49
C ARG A 154 18.91 4.93 -2.54
N LEU A 155 19.66 5.93 -3.02
CA LEU A 155 19.12 7.27 -3.11
C LEU A 155 18.27 7.38 -4.38
N VAL A 156 17.16 8.09 -4.28
CA VAL A 156 16.26 8.28 -5.41
C VAL A 156 16.78 9.50 -6.19
N PRO A 157 16.78 9.44 -7.53
CA PRO A 157 16.34 8.35 -8.41
C PRO A 157 17.36 7.23 -8.54
N ILE A 158 16.87 6.01 -8.71
CA ILE A 158 17.75 4.86 -8.85
C ILE A 158 17.71 4.38 -10.30
N THR A 159 18.75 3.65 -10.70
CA THR A 159 18.82 3.11 -12.05
C THR A 159 18.41 1.65 -11.93
N GLU A 160 18.22 0.98 -13.07
CA GLU A 160 17.83 -0.41 -13.02
C GLU A 160 18.93 -1.21 -12.36
N LYS A 161 20.17 -0.77 -12.53
CA LYS A 161 21.31 -1.44 -11.90
C LYS A 161 21.15 -1.39 -10.39
N ASP A 162 20.80 -0.20 -9.88
CA ASP A 162 20.60 -0.01 -8.45
C ASP A 162 19.52 -0.98 -7.96
N ALA A 163 18.41 -1.02 -8.69
CA ALA A 163 17.27 -1.87 -8.37
C ALA A 163 17.59 -3.35 -8.28
N ARG A 164 18.24 -3.89 -9.31
CA ARG A 164 18.59 -5.31 -9.30
C ARG A 164 19.62 -5.60 -8.21
N LYS A 165 20.52 -4.64 -8.02
CA LYS A 165 21.56 -4.76 -7.03
C LYS A 165 21.01 -4.74 -5.59
N MET A 166 20.18 -3.75 -5.26
CA MET A 166 19.65 -3.68 -3.90
C MET A 166 18.76 -4.89 -3.57
N ILE A 167 18.24 -5.55 -4.60
CA ILE A 167 17.41 -6.73 -4.38
C ILE A 167 18.33 -7.89 -4.01
N GLN A 168 19.51 -7.94 -4.63
CA GLN A 168 20.45 -9.01 -4.38
C GLN A 168 21.26 -8.85 -3.09
N GLU A 169 21.32 -7.63 -2.59
CA GLU A 169 22.08 -7.32 -1.38
C GLU A 169 21.42 -7.73 -0.05
N ILE A 170 20.12 -8.00 -0.05
CA ILE A 170 19.46 -8.38 1.20
C ILE A 170 19.87 -9.80 1.58
N LYS A 171 20.01 -10.05 2.87
CA LYS A 171 20.41 -11.38 3.33
C LYS A 171 19.43 -12.44 2.87
N ALA A 172 18.15 -12.09 2.84
CA ALA A 172 17.11 -13.02 2.43
C ALA A 172 16.99 -13.20 0.93
N TYR A 173 17.97 -12.72 0.17
CA TYR A 173 17.91 -12.86 -1.28
C TYR A 173 17.76 -14.30 -1.75
N PRO A 174 18.54 -15.23 -1.18
CA PRO A 174 18.45 -16.64 -1.58
C PRO A 174 17.01 -17.14 -1.54
N ILE A 175 16.23 -16.61 -0.60
CA ILE A 175 14.83 -17.00 -0.45
C ILE A 175 14.02 -16.61 -1.69
N LEU A 176 14.31 -15.44 -2.24
CA LEU A 176 13.60 -14.97 -3.42
C LEU A 176 14.00 -15.76 -4.66
N ALA A 177 15.26 -16.16 -4.71
CA ALA A 177 15.78 -16.93 -5.83
C ALA A 177 15.21 -18.35 -5.80
N GLY A 178 14.71 -18.75 -4.63
CA GLY A 178 14.14 -20.08 -4.49
C GLY A 178 15.14 -21.06 -3.92
N ALA A 179 15.04 -21.32 -2.61
CA ALA A 179 15.94 -22.25 -1.93
C ALA A 179 15.32 -23.65 -1.87
N GLU A 182 13.31 -24.44 -4.79
CA GLU A 182 11.99 -23.84 -4.92
C GLU A 182 11.92 -22.89 -6.11
N GLU A 183 10.70 -22.48 -6.46
CA GLU A 183 10.48 -21.56 -7.56
C GLU A 183 10.84 -20.14 -7.18
N PRO A 184 11.64 -19.47 -8.02
CA PRO A 184 12.06 -18.09 -7.75
C PRO A 184 10.92 -17.11 -7.92
N ALA A 185 10.93 -16.06 -7.10
CA ALA A 185 9.91 -15.03 -7.16
C ALA A 185 10.13 -14.24 -8.44
N ASP A 186 9.16 -13.40 -8.79
CA ASP A 186 9.28 -12.60 -10.01
C ASP A 186 10.15 -11.38 -9.73
N ILE A 187 11.46 -11.54 -9.81
CA ILE A 187 12.41 -10.47 -9.56
C ILE A 187 12.19 -9.26 -10.46
N ASP A 188 12.01 -9.50 -11.75
CA ASP A 188 11.79 -8.43 -12.71
C ASP A 188 10.60 -7.56 -12.32
N ALA A 189 9.60 -8.19 -11.73
CA ALA A 189 8.41 -7.47 -11.29
C ALA A 189 8.82 -6.55 -10.13
N ILE A 190 9.68 -7.05 -9.27
CA ILE A 190 10.13 -6.22 -8.14
C ILE A 190 10.95 -5.06 -8.68
N VAL A 191 11.83 -5.35 -9.64
CA VAL A 191 12.65 -4.30 -10.23
C VAL A 191 11.78 -3.21 -10.84
N ASP A 192 10.70 -3.61 -11.49
CA ASP A 192 9.79 -2.65 -12.10
C ASP A 192 9.12 -1.78 -11.04
N MET A 193 8.73 -2.37 -9.92
CA MET A 193 8.09 -1.59 -8.86
C MET A 193 9.04 -0.57 -8.27
N LEU A 194 10.28 -0.99 -8.01
CA LEU A 194 11.27 -0.08 -7.45
C LEU A 194 11.51 1.11 -8.38
N LEU A 195 11.59 0.87 -9.69
CA LEU A 195 11.82 1.96 -10.64
C LEU A 195 10.63 2.89 -10.72
N LYS A 196 9.43 2.33 -10.67
CA LYS A 196 8.22 3.15 -10.72
C LYS A 196 8.10 3.99 -9.44
N VAL A 197 8.41 3.41 -8.30
CA VAL A 197 8.34 4.19 -7.07
C VAL A 197 9.40 5.30 -7.11
N SER A 198 10.58 4.97 -7.62
CA SER A 198 11.67 5.92 -7.74
C SER A 198 11.23 7.12 -8.58
N LYS A 199 10.57 6.82 -9.70
CA LYS A 199 10.07 7.85 -10.62
C LYS A 199 9.02 8.71 -9.93
N LEU A 200 8.06 8.04 -9.30
CA LEU A 200 6.99 8.70 -8.59
C LEU A 200 7.54 9.65 -7.53
N VAL A 201 8.49 9.17 -6.73
CA VAL A 201 9.09 9.98 -5.67
C VAL A 201 9.94 11.13 -6.21
N ASP A 202 10.71 10.86 -7.26
CA ASP A 202 11.55 11.89 -7.86
C ASP A 202 10.63 13.01 -8.38
N ASP A 203 9.58 12.64 -9.09
CA ASP A 203 8.62 13.61 -9.62
C ASP A 203 7.96 14.44 -8.53
N LEU A 204 7.54 13.75 -7.48
CA LEU A 204 6.84 14.40 -6.38
C LEU A 204 7.69 14.67 -5.14
N LYS A 205 9.00 14.78 -5.31
CA LYS A 205 9.87 15.02 -4.16
C LYS A 205 9.51 16.21 -3.28
N ASP A 206 8.86 17.23 -3.84
CA ASP A 206 8.48 18.38 -3.01
C ASP A 206 7.15 18.14 -2.29
N TYR A 207 6.44 17.09 -2.71
CA TYR A 207 5.16 16.75 -2.11
C TYR A 207 5.23 15.70 -1.02
N ILE A 208 5.88 14.59 -1.33
CA ILE A 208 5.99 13.45 -0.41
C ILE A 208 7.15 13.48 0.59
N LYS A 209 6.81 13.29 1.86
CA LYS A 209 7.82 13.24 2.92
C LYS A 209 8.30 11.79 3.00
N GLU A 210 7.35 10.86 3.12
CA GLU A 210 7.67 9.44 3.21
C GLU A 210 6.51 8.57 2.75
N MET A 211 6.79 7.31 2.46
CA MET A 211 5.75 6.41 2.03
C MET A 211 6.24 4.98 2.02
N ASP A 212 5.34 4.06 1.76
CA ASP A 212 5.71 2.67 1.65
C ASP A 212 4.61 1.91 0.97
N LEU A 213 4.96 0.72 0.51
CA LEU A 213 4.03 -0.18 -0.13
C LEU A 213 4.22 -1.37 0.81
N ASN A 214 3.20 -1.66 1.62
CA ASN A 214 3.30 -2.72 2.60
C ASN A 214 1.91 -3.12 3.06
N PRO A 215 1.50 -4.37 2.80
CA PRO A 215 2.39 -5.32 2.10
C PRO A 215 2.27 -5.36 0.59
N VAL A 216 3.22 -6.05 -0.02
CA VAL A 216 3.27 -6.26 -1.46
C VAL A 216 3.46 -7.77 -1.60
N PHE A 217 2.67 -8.41 -2.46
CA PHE A 217 2.83 -9.85 -2.65
C PHE A 217 3.54 -10.05 -3.98
N VAL A 218 4.59 -10.87 -3.98
CA VAL A 218 5.32 -11.15 -5.20
C VAL A 218 5.14 -12.61 -5.58
N TYR A 219 4.62 -12.83 -6.78
CA TYR A 219 4.36 -14.18 -7.27
C TYR A 219 5.56 -14.74 -8.01
N ASN A 220 5.45 -15.99 -8.45
CA ASN A 220 6.55 -16.64 -9.14
C ASN A 220 6.92 -15.97 -10.46
N LYS A 221 8.05 -16.38 -11.01
CA LYS A 221 8.57 -15.82 -12.25
C LYS A 221 7.51 -15.65 -13.34
N GLY A 222 7.52 -14.49 -13.97
CA GLY A 222 6.59 -14.21 -15.05
C GLY A 222 5.15 -13.90 -14.70
N GLU A 223 4.80 -13.85 -13.42
CA GLU A 223 3.42 -13.55 -13.05
C GLU A 223 3.24 -12.34 -12.16
N GLY A 224 4.18 -11.40 -12.28
CA GLY A 224 4.13 -10.14 -11.53
C GLY A 224 3.98 -10.12 -10.03
N ALA A 225 3.44 -9.01 -9.55
CA ALA A 225 3.22 -8.79 -8.12
C ALA A 225 2.00 -7.90 -7.91
N VAL A 226 1.62 -7.71 -6.65
CA VAL A 226 0.46 -6.88 -6.33
C VAL A 226 0.65 -6.15 -5.00
N ILE A 227 0.27 -4.87 -4.99
CA ILE A 227 0.36 -4.03 -3.80
C ILE A 227 -0.90 -4.20 -2.97
N VAL A 228 -0.75 -4.62 -1.72
CA VAL A 228 -1.90 -4.84 -0.86
C VAL A 228 -2.34 -3.64 -0.03
N ASP A 229 -1.39 -2.87 0.48
CA ASP A 229 -1.71 -1.69 1.27
C ASP A 229 -0.59 -0.70 1.00
N SER A 230 -0.83 0.57 1.31
CA SER A 230 0.16 1.61 1.10
C SER A 230 -0.14 2.85 1.94
N ARG A 231 0.91 3.56 2.32
CA ARG A 231 0.73 4.77 3.10
C ARG A 231 1.62 5.85 2.51
N ILE A 232 1.10 7.06 2.45
CA ILE A 232 1.84 8.19 1.93
C ILE A 232 1.66 9.36 2.89
N ILE A 233 2.78 9.95 3.32
CA ILE A 233 2.76 11.10 4.22
C ILE A 233 3.26 12.28 3.40
N LEU A 234 2.43 13.32 3.30
CA LEU A 234 2.78 14.50 2.53
C LEU A 234 3.44 15.60 3.36
N LYS A 235 4.17 16.47 2.66
CA LYS A 235 4.84 17.60 3.27
C LYS A 235 3.90 18.79 3.19
N PRO A 236 3.80 19.56 4.27
CA PRO A 236 2.94 20.76 4.37
C PRO A 236 3.47 21.97 3.53
N LYS A 237 2.49 22.77 3.00
CA LYS A 237 2.76 24.05 2.29
C LYS A 237 3.59 23.99 0.96
#